data_3F9I
#
_entry.id   3F9I
#
_cell.length_a   74.160
_cell.length_b   74.160
_cell.length_c   183.010
_cell.angle_alpha   90.00
_cell.angle_beta   90.00
_cell.angle_gamma   90.00
#
_symmetry.space_group_name_H-M   'P 41 21 2'
#
loop_
_entity.id
_entity.type
_entity.pdbx_description
1 polymer '3-oxoacyl-[acyl-carrier-protein] reductase'
2 water water
#
_entity_poly.entity_id   1
_entity_poly.type   'polypeptide(L)'
_entity_poly.pdbx_seq_one_letter_code
;MAHHHHHHMIDLTGKTSLITGASSGIGSAIARLLHKLGSKVIISGSNEEKLKSLGNALKDNYTIEVCNLANKEECSNLIS
KTSNLDILVCNAGITSDTLAIRMKDQDFDKVIDINLKANFILNREAIKKMIQKRYGRIINISSIVGIAGNPGQANYCASK
AGLIGMTKSLSYEVATRGITVNAVAPGFIKSDMTDKLNEKQREAIVQKIPLGTYGIPEDVAYAVAFLASNNASYITGQTL
HVNGGMLMV
;
_entity_poly.pdbx_strand_id   A,B
#
# COMPACT_ATOMS: atom_id res chain seq x y z
N MET A 9 5.63 -5.35 12.84
CA MET A 9 5.36 -4.03 12.23
C MET A 9 3.94 -3.58 12.51
N ILE A 10 2.94 -4.35 12.08
CA ILE A 10 1.56 -3.88 12.20
C ILE A 10 0.91 -4.33 13.51
N ASP A 11 0.66 -3.41 14.42
CA ASP A 11 0.10 -3.78 15.71
C ASP A 11 -1.20 -3.02 15.84
N LEU A 12 -2.32 -3.72 16.05
CA LEU A 12 -3.57 -3.04 16.18
C LEU A 12 -4.07 -3.11 17.59
N THR A 13 -3.16 -3.41 18.50
CA THR A 13 -3.48 -3.53 19.94
C THR A 13 -4.05 -2.26 20.48
N GLY A 14 -5.19 -2.37 21.16
CA GLY A 14 -5.83 -1.23 21.78
C GLY A 14 -6.96 -0.67 20.92
N LYS A 15 -7.00 -1.08 19.64
CA LYS A 15 -7.99 -0.50 18.70
C LYS A 15 -9.30 -1.23 18.64
N THR A 16 -10.35 -0.54 18.25
CA THR A 16 -11.60 -1.18 17.92
C THR A 16 -11.90 -0.94 16.45
N SER A 17 -12.12 -2.03 15.71
CA SER A 17 -12.48 -1.98 14.30
C SER A 17 -13.90 -2.49 14.13
N LEU A 18 -14.61 -1.91 13.18
CA LEU A 18 -15.93 -2.38 12.70
C LEU A 18 -15.80 -2.78 11.25
N ILE A 19 -16.19 -4.02 10.96
CA ILE A 19 -16.17 -4.59 9.62
C ILE A 19 -17.61 -4.89 9.23
N THR A 20 -18.07 -4.28 8.14
CA THR A 20 -19.38 -4.57 7.59
C THR A 20 -19.21 -5.72 6.65
N GLY A 21 -20.33 -6.37 6.33
CA GLY A 21 -20.35 -7.56 5.53
C GLY A 21 -19.36 -8.59 6.04
N ALA A 22 -19.28 -8.73 7.35
CA ALA A 22 -18.23 -9.51 8.00
C ALA A 22 -18.34 -11.02 7.79
N SER A 23 -19.47 -11.52 7.31
CA SER A 23 -19.54 -12.97 7.03
C SER A 23 -19.17 -13.40 5.60
N SER A 24 -18.89 -12.47 4.68
CA SER A 24 -18.34 -12.83 3.36
C SER A 24 -16.97 -13.39 3.61
N GLY A 25 -16.38 -14.06 2.65
CA GLY A 25 -15.04 -14.59 2.83
C GLY A 25 -13.99 -13.51 2.97
N ILE A 26 -14.19 -12.39 2.29
CA ILE A 26 -13.33 -11.23 2.45
C ILE A 26 -13.55 -10.54 3.78
N GLY A 27 -14.80 -10.26 4.09
CA GLY A 27 -15.17 -9.71 5.38
C GLY A 27 -14.57 -10.51 6.53
N SER A 28 -14.75 -11.84 6.50
CA SER A 28 -14.27 -12.65 7.61
C SER A 28 -12.74 -12.79 7.64
N ALA A 29 -12.08 -12.74 6.49
CA ALA A 29 -10.66 -12.80 6.49
C ALA A 29 -10.13 -11.51 7.11
N ILE A 30 -10.76 -10.40 6.78
CA ILE A 30 -10.39 -9.13 7.37
C ILE A 30 -10.61 -9.22 8.88
N ALA A 31 -11.79 -9.68 9.32
CA ALA A 31 -12.11 -9.70 10.76
C ALA A 31 -11.09 -10.51 11.53
N ARG A 32 -10.73 -11.68 11.02
CA ARG A 32 -9.77 -12.51 11.73
C ARG A 32 -8.39 -11.85 11.79
N LEU A 33 -7.98 -11.21 10.72
CA LEU A 33 -6.66 -10.67 10.65
C LEU A 33 -6.56 -9.50 11.62
N LEU A 34 -7.52 -8.57 11.56
CA LEU A 34 -7.50 -7.42 12.45
C LEU A 34 -7.58 -7.89 13.90
N HIS A 35 -8.32 -8.97 14.15
CA HIS A 35 -8.44 -9.49 15.50
C HIS A 35 -7.12 -10.12 15.94
N LYS A 36 -6.54 -10.89 15.06
CA LYS A 36 -5.25 -11.49 15.31
C LYS A 36 -4.16 -10.46 15.54
N LEU A 37 -4.30 -9.26 14.95
CA LEU A 37 -3.34 -8.17 15.13
C LEU A 37 -3.64 -7.35 16.39
N GLY A 38 -4.59 -7.80 17.20
CA GLY A 38 -4.89 -7.11 18.45
C GLY A 38 -6.09 -6.20 18.45
N SER A 39 -6.79 -6.07 17.34
CA SER A 39 -7.96 -5.20 17.36
C SER A 39 -9.13 -5.92 18.02
N LYS A 40 -9.91 -5.18 18.79
CA LYS A 40 -11.22 -5.64 19.18
C LYS A 40 -12.02 -5.46 17.91
N VAL A 41 -12.90 -6.39 17.57
CA VAL A 41 -13.62 -6.30 16.28
C VAL A 41 -15.14 -6.34 16.42
N ILE A 42 -15.80 -5.46 15.70
CA ILE A 42 -17.24 -5.43 15.70
C ILE A 42 -17.56 -6.00 14.35
N ILE A 43 -18.16 -7.18 14.35
CA ILE A 43 -18.41 -7.87 13.10
C ILE A 43 -19.85 -7.69 12.80
N SER A 44 -20.13 -7.06 11.69
CA SER A 44 -21.49 -6.65 11.40
C SER A 44 -21.94 -7.28 10.10
N GLY A 45 -23.23 -7.48 9.96
CA GLY A 45 -23.80 -8.07 8.77
C GLY A 45 -25.21 -8.56 9.03
N SER A 46 -25.84 -9.14 8.01
CA SER A 46 -27.25 -9.55 8.08
C SER A 46 -27.49 -11.01 8.46
N ASN A 47 -26.48 -11.85 8.35
CA ASN A 47 -26.59 -13.24 8.67
C ASN A 47 -26.06 -13.51 10.07
N GLU A 48 -26.95 -13.44 11.06
CA GLU A 48 -26.61 -13.67 12.44
C GLU A 48 -25.93 -15.02 12.62
N GLU A 49 -26.48 -16.06 12.03
CA GLU A 49 -25.94 -17.41 12.17
C GLU A 49 -24.49 -17.51 11.73
N LYS A 50 -24.15 -16.93 10.59
CA LYS A 50 -22.79 -16.92 10.08
C LYS A 50 -21.88 -16.01 10.86
N LEU A 51 -22.38 -14.87 11.31
CA LEU A 51 -21.61 -14.01 12.18
C LEU A 51 -21.22 -14.74 13.46
N LYS A 52 -22.14 -15.55 13.99
CA LYS A 52 -21.92 -16.22 15.26
C LYS A 52 -20.84 -17.29 15.10
N SER A 53 -20.82 -17.96 13.96
CA SER A 53 -19.81 -18.97 13.71
C SER A 53 -18.44 -18.29 13.50
N LEU A 54 -18.43 -17.11 12.87
CA LEU A 54 -17.24 -16.25 12.89
C LEU A 54 -16.82 -15.86 14.30
N GLY A 55 -17.78 -15.37 15.07
CA GLY A 55 -17.58 -15.09 16.47
C GLY A 55 -16.94 -16.23 17.24
N ASN A 56 -17.45 -17.44 17.09
CA ASN A 56 -16.87 -18.61 17.77
C ASN A 56 -15.41 -18.81 17.46
N ALA A 57 -15.04 -18.67 16.19
CA ALA A 57 -13.64 -18.72 15.75
C ALA A 57 -12.82 -17.61 16.37
N LEU A 58 -13.39 -16.42 16.55
CA LEU A 58 -12.68 -15.33 17.16
C LEU A 58 -12.49 -15.53 18.66
N LYS A 59 -13.46 -16.20 19.31
CA LYS A 59 -13.43 -16.56 20.74
C LYS A 59 -13.72 -15.45 21.77
N ASP A 60 -13.04 -14.30 21.67
CA ASP A 60 -13.25 -13.15 22.56
C ASP A 60 -12.88 -11.84 21.84
N ASN A 61 -13.10 -10.70 22.48
CA ASN A 61 -12.74 -9.37 21.92
C ASN A 61 -13.40 -9.11 20.57
N TYR A 62 -14.70 -9.39 20.51
CA TYR A 62 -15.51 -9.07 19.36
C TYR A 62 -16.91 -8.80 19.82
N THR A 63 -17.69 -8.22 18.94
CA THR A 63 -19.09 -8.05 19.19
C THR A 63 -19.79 -8.19 17.87
N ILE A 64 -20.93 -8.84 17.85
CA ILE A 64 -21.75 -8.99 16.67
C ILE A 64 -22.80 -7.87 16.57
N GLU A 65 -22.99 -7.33 15.38
CA GLU A 65 -24.05 -6.38 15.12
C GLU A 65 -24.80 -6.81 13.88
N VAL A 66 -26.02 -7.28 14.10
CA VAL A 66 -26.85 -7.84 13.07
C VAL A 66 -27.48 -6.65 12.47
N CYS A 67 -27.27 -6.48 11.18
CA CYS A 67 -27.53 -5.20 10.54
C CYS A 67 -27.82 -5.40 9.06
N ASN A 68 -28.87 -4.75 8.57
CA ASN A 68 -29.13 -4.72 7.14
C ASN A 68 -28.75 -3.37 6.56
N LEU A 69 -27.65 -3.33 5.80
CA LEU A 69 -27.19 -2.05 5.27
C LEU A 69 -28.22 -1.44 4.29
N ALA A 70 -28.90 -2.28 3.51
CA ALA A 70 -29.97 -1.81 2.64
C ALA A 70 -30.88 -0.74 3.28
N ASN A 71 -31.07 -0.79 4.59
CA ASN A 71 -31.82 0.26 5.32
C ASN A 71 -30.93 1.44 5.79
N LYS A 72 -31.23 2.66 5.34
CA LYS A 72 -30.41 3.84 5.68
C LYS A 72 -30.30 4.12 7.18
N GLU A 73 -31.40 4.03 7.90
CA GLU A 73 -31.39 4.28 9.35
C GLU A 73 -30.53 3.27 10.09
N GLU A 74 -30.47 2.05 9.56
CA GLU A 74 -29.72 0.99 10.17
C GLU A 74 -28.22 1.20 9.99
N CYS A 75 -27.79 1.71 8.82
CA CYS A 75 -26.40 2.20 8.65
C CYS A 75 -26.10 3.28 9.66
N SER A 76 -27.00 4.24 9.77
CA SER A 76 -26.79 5.37 10.66
C SER A 76 -26.70 4.91 12.12
N ASN A 77 -27.52 3.93 12.44
CA ASN A 77 -27.58 3.39 13.79
C ASN A 77 -26.38 2.52 14.15
N LEU A 78 -25.85 1.79 13.15
CA LEU A 78 -24.79 0.82 13.36
C LEU A 78 -23.62 1.47 14.08
N ILE A 79 -23.20 2.65 13.59
CA ILE A 79 -22.03 3.36 14.13
C ILE A 79 -22.24 3.89 15.56
N SER A 80 -23.38 4.55 15.82
CA SER A 80 -23.75 5.03 17.19
C SER A 80 -23.67 3.93 18.25
N LYS A 81 -24.29 2.80 17.94
CA LYS A 81 -24.11 1.59 18.74
C LYS A 81 -22.67 1.31 19.19
N THR A 82 -21.69 2.04 18.64
CA THR A 82 -20.28 1.75 18.92
C THR A 82 -19.66 2.98 19.61
N SER A 83 -18.91 2.75 20.67
CA SER A 83 -18.38 3.85 21.49
C SER A 83 -16.97 4.18 21.07
N ASN A 84 -16.11 3.16 21.10
CA ASN A 84 -14.80 3.25 20.50
C ASN A 84 -14.94 2.83 19.05
N LEU A 85 -14.28 3.57 18.18
CA LEU A 85 -14.16 3.17 16.79
C LEU A 85 -12.93 3.80 16.22
N ASP A 86 -11.87 3.02 16.04
CA ASP A 86 -10.70 3.56 15.39
C ASP A 86 -10.66 3.22 13.89
N ILE A 87 -11.24 2.09 13.53
CA ILE A 87 -11.10 1.59 12.20
C ILE A 87 -12.47 1.14 11.71
N LEU A 88 -12.88 1.68 10.57
CA LEU A 88 -14.04 1.18 9.85
C LEU A 88 -13.66 0.51 8.53
N VAL A 89 -14.19 -0.69 8.30
CA VAL A 89 -13.99 -1.38 7.09
C VAL A 89 -15.35 -1.70 6.48
N CYS A 90 -15.62 -1.03 5.36
CA CYS A 90 -16.84 -1.18 4.60
C CYS A 90 -16.61 -2.17 3.48
N ASN A 91 -17.07 -3.40 3.69
CA ASN A 91 -17.11 -4.31 2.59
C ASN A 91 -18.30 -4.04 1.66
N ALA A 92 -18.14 -4.38 0.39
CA ALA A 92 -19.28 -4.48 -0.54
C ALA A 92 -20.09 -5.67 0.00
N GLY A 93 -21.40 -5.58 0.19
CA GLY A 93 -22.32 -4.85 -0.66
C GLY A 93 -23.05 -5.89 -1.53
N ASP A 107 -31.20 -4.45 -11.11
CA ASP A 107 -31.35 -3.08 -10.63
C ASP A 107 -29.98 -2.38 -10.54
N PHE A 108 -29.80 -1.41 -11.43
CA PHE A 108 -28.79 -0.40 -11.24
C PHE A 108 -28.95 0.19 -9.83
N ASP A 109 -30.17 0.62 -9.50
CA ASP A 109 -30.45 1.28 -8.22
C ASP A 109 -30.07 0.48 -6.99
N LYS A 110 -30.20 -0.83 -7.07
CA LYS A 110 -29.92 -1.66 -5.94
C LYS A 110 -28.42 -1.68 -5.62
N VAL A 111 -27.59 -1.85 -6.65
CA VAL A 111 -26.15 -1.95 -6.47
C VAL A 111 -25.60 -0.59 -5.98
N ILE A 112 -26.09 0.48 -6.58
CA ILE A 112 -25.67 1.81 -6.20
C ILE A 112 -26.07 2.04 -4.76
N ASP A 113 -27.29 1.69 -4.39
CA ASP A 113 -27.78 1.94 -3.02
C ASP A 113 -27.01 1.10 -2.02
N ILE A 114 -26.65 -0.12 -2.37
CA ILE A 114 -25.93 -0.97 -1.40
C ILE A 114 -24.45 -0.64 -1.38
N ASN A 115 -23.82 -0.65 -2.55
CA ASN A 115 -22.39 -0.45 -2.66
C ASN A 115 -21.90 1.00 -2.51
N LEU A 116 -22.82 1.97 -2.55
CA LEU A 116 -22.38 3.37 -2.52
C LEU A 116 -23.15 4.20 -1.51
N LYS A 117 -24.47 4.18 -1.51
CA LYS A 117 -25.22 5.01 -0.54
C LYS A 117 -25.07 4.54 0.94
N ALA A 118 -25.09 3.23 1.14
CA ALA A 118 -24.85 2.64 2.47
C ALA A 118 -23.48 3.09 2.97
N ASN A 119 -22.50 2.95 2.12
CA ASN A 119 -21.15 3.29 2.47
C ASN A 119 -20.92 4.75 2.82
N PHE A 120 -21.53 5.68 2.06
CA PHE A 120 -21.56 7.08 2.43
C PHE A 120 -21.98 7.26 3.89
N ILE A 121 -23.09 6.65 4.27
CA ILE A 121 -23.64 6.85 5.62
C ILE A 121 -22.69 6.31 6.64
N LEU A 122 -22.21 5.10 6.41
CA LEU A 122 -21.27 4.48 7.32
C LEU A 122 -20.06 5.38 7.48
N ASN A 123 -19.53 5.90 6.36
CA ASN A 123 -18.29 6.72 6.38
C ASN A 123 -18.53 8.04 7.12
N ARG A 124 -19.60 8.72 6.74
CA ARG A 124 -19.99 10.01 7.34
C ARG A 124 -20.19 9.87 8.85
N GLU A 125 -20.95 8.85 9.25
CA GLU A 125 -21.20 8.64 10.66
C GLU A 125 -19.92 8.28 11.40
N ALA A 126 -19.04 7.52 10.77
CA ALA A 126 -17.82 7.12 11.43
C ALA A 126 -16.93 8.35 11.60
N ILE A 127 -16.90 9.20 10.57
CA ILE A 127 -16.13 10.45 10.61
C ILE A 127 -16.54 11.36 11.78
N LYS A 128 -17.84 11.51 11.98
CA LYS A 128 -18.35 12.27 13.10
C LYS A 128 -17.80 11.73 14.40
N LYS A 129 -17.71 10.41 14.54
CA LYS A 129 -17.12 9.84 15.75
C LYS A 129 -15.62 10.04 15.80
N MET A 130 -14.93 9.78 14.70
CA MET A 130 -13.48 9.87 14.66
C MET A 130 -12.91 11.28 14.77
N ILE A 131 -13.67 12.29 14.36
CA ILE A 131 -13.29 13.68 14.54
C ILE A 131 -13.03 13.99 16.02
N GLN A 132 -13.84 13.40 16.90
CA GLN A 132 -13.77 13.72 18.34
C GLN A 132 -12.45 13.26 18.91
N LYS A 133 -11.89 12.18 18.37
CA LYS A 133 -10.58 11.69 18.82
C LYS A 133 -9.39 12.18 17.99
N ARG A 134 -9.64 12.91 16.90
CA ARG A 134 -8.58 13.25 15.91
C ARG A 134 -7.77 12.01 15.48
N TYR A 135 -8.44 10.89 15.30
CA TYR A 135 -7.80 9.67 14.88
C TYR A 135 -8.84 8.82 14.20
N GLY A 136 -8.40 8.06 13.19
CA GLY A 136 -9.27 7.08 12.58
C GLY A 136 -8.82 6.62 11.22
N ARG A 137 -9.35 5.46 10.85
CA ARG A 137 -9.04 4.80 9.60
C ARG A 137 -10.35 4.32 9.03
N ILE A 138 -10.56 4.69 7.77
CA ILE A 138 -11.70 4.20 7.01
C ILE A 138 -11.17 3.55 5.76
N ILE A 139 -11.56 2.29 5.57
CA ILE A 139 -11.20 1.55 4.39
C ILE A 139 -12.47 1.06 3.70
N ASN A 140 -12.64 1.52 2.47
CA ASN A 140 -13.79 1.10 1.65
C ASN A 140 -13.34 0.08 0.65
N ILE A 141 -14.02 -1.06 0.63
CA ILE A 141 -13.67 -2.16 -0.23
C ILE A 141 -14.71 -2.31 -1.35
N SER A 142 -14.22 -2.28 -2.59
CA SER A 142 -15.07 -2.40 -3.76
C SER A 142 -15.32 -3.88 -4.02
N SER A 143 -16.44 -4.18 -4.65
CA SER A 143 -16.75 -5.57 -4.93
C SER A 143 -15.79 -6.19 -5.96
N ILE A 144 -15.75 -7.52 -5.93
CA ILE A 144 -14.85 -8.33 -6.72
C ILE A 144 -15.30 -8.25 -8.18
N VAL A 145 -14.31 -8.21 -9.08
CA VAL A 145 -14.58 -8.19 -10.53
C VAL A 145 -15.27 -9.52 -10.80
N GLY A 146 -16.44 -9.54 -11.48
CA GLY A 146 -16.98 -8.46 -12.34
C GLY A 146 -17.29 -7.09 -11.74
N GLY A 149 -14.88 -9.68 -15.62
CA GLY A 149 -15.54 -8.46 -16.05
C GLY A 149 -14.60 -7.26 -16.03
N ASN A 150 -13.83 -7.09 -17.11
CA ASN A 150 -12.79 -6.04 -17.21
C ASN A 150 -13.18 -4.73 -16.45
N PRO A 151 -14.14 -3.96 -17.01
CA PRO A 151 -14.86 -2.95 -16.20
C PRO A 151 -16.20 -3.49 -15.60
N GLY A 152 -16.64 -4.68 -16.04
CA GLY A 152 -17.81 -5.39 -15.51
C GLY A 152 -19.15 -4.80 -15.94
N GLN A 153 -20.23 -5.18 -15.23
CA GLN A 153 -21.55 -4.59 -15.46
C GLN A 153 -21.53 -3.11 -15.05
N ALA A 154 -22.25 -2.29 -15.80
CA ALA A 154 -22.33 -0.84 -15.56
C ALA A 154 -22.60 -0.50 -14.10
N ASN A 155 -23.47 -1.28 -13.45
CA ASN A 155 -23.86 -0.96 -12.07
C ASN A 155 -22.74 -1.16 -11.05
N TYR A 156 -22.03 -2.28 -11.14
CA TYR A 156 -20.89 -2.54 -10.29
C TYR A 156 -19.67 -1.64 -10.61
N CYS A 157 -19.41 -1.43 -11.88
CA CYS A 157 -18.37 -0.51 -12.30
C CYS A 157 -18.66 0.93 -11.86
N ALA A 158 -19.88 1.43 -12.08
CA ALA A 158 -20.28 2.74 -11.57
C ALA A 158 -20.16 2.84 -10.04
N SER A 159 -20.59 1.82 -9.32
CA SER A 159 -20.60 1.93 -7.87
C SER A 159 -19.17 1.88 -7.30
N LYS A 160 -18.31 1.04 -7.86
CA LYS A 160 -16.90 0.94 -7.49
C LYS A 160 -16.16 2.25 -7.69
N ALA A 161 -16.30 2.82 -8.88
CA ALA A 161 -15.70 4.11 -9.22
C ALA A 161 -16.22 5.18 -8.28
N GLY A 162 -17.53 5.18 -8.11
CA GLY A 162 -18.21 6.12 -7.24
C GLY A 162 -17.64 6.06 -5.82
N LEU A 163 -17.37 4.85 -5.37
CA LEU A 163 -16.88 4.59 -4.01
C LEU A 163 -15.44 5.12 -3.85
N ILE A 164 -14.69 5.06 -4.93
CA ILE A 164 -13.33 5.54 -4.94
C ILE A 164 -13.34 7.06 -4.99
N GLY A 165 -14.24 7.62 -5.79
CA GLY A 165 -14.39 9.08 -5.83
C GLY A 165 -14.84 9.57 -4.48
N MET A 166 -15.79 8.86 -3.89
CA MET A 166 -16.23 9.16 -2.56
C MET A 166 -15.05 9.10 -1.57
N THR A 167 -14.23 8.07 -1.67
CA THR A 167 -13.09 7.89 -0.76
C THR A 167 -12.07 9.05 -0.78
N LYS A 168 -11.65 9.43 -1.98
CA LYS A 168 -10.80 10.64 -2.20
C LYS A 168 -11.43 11.91 -1.65
N SER A 169 -12.70 12.12 -1.90
CA SER A 169 -13.33 13.32 -1.41
C SER A 169 -13.35 13.39 0.14
N LEU A 170 -13.76 12.31 0.79
CA LEU A 170 -13.80 12.31 2.23
C LEU A 170 -12.37 12.34 2.80
N SER A 171 -11.41 11.84 2.04
CA SER A 171 -10.04 11.83 2.44
C SER A 171 -9.53 13.24 2.65
N TYR A 172 -9.74 14.07 1.64
CA TYR A 172 -9.35 15.48 1.68
C TYR A 172 -10.04 16.18 2.88
N GLU A 173 -11.32 15.91 3.06
CA GLU A 173 -12.11 16.54 4.11
C GLU A 173 -11.71 16.31 5.60
N VAL A 174 -11.12 15.16 5.89
CA VAL A 174 -10.81 14.77 7.27
C VAL A 174 -9.32 14.75 7.48
N ALA A 175 -8.56 15.11 6.45
CA ALA A 175 -7.11 14.94 6.45
C ALA A 175 -6.36 15.63 7.62
N THR A 176 -6.75 16.86 7.96
CA THR A 176 -6.07 17.55 9.05
C THR A 176 -6.48 17.05 10.43
N ARG A 177 -7.48 16.20 10.47
CA ARG A 177 -7.99 15.72 11.71
C ARG A 177 -7.62 14.29 11.98
N GLY A 178 -6.50 13.84 11.44
CA GLY A 178 -5.91 12.58 11.85
C GLY A 178 -6.63 11.30 11.43
N ILE A 179 -7.55 11.45 10.49
CA ILE A 179 -8.30 10.35 9.93
C ILE A 179 -7.80 10.12 8.50
N THR A 180 -7.47 8.89 8.14
CA THR A 180 -7.20 8.55 6.75
C THR A 180 -8.42 7.78 6.15
N VAL A 181 -8.70 8.03 4.87
CA VAL A 181 -9.77 7.36 4.15
C VAL A 181 -9.20 6.77 2.88
N ASN A 182 -9.18 5.44 2.76
CA ASN A 182 -8.58 4.75 1.64
C ASN A 182 -9.47 3.62 1.14
N ALA A 183 -9.18 3.12 -0.05
CA ALA A 183 -10.01 2.11 -0.73
C ALA A 183 -9.15 0.88 -1.01
N VAL A 184 -9.68 -0.32 -0.85
CA VAL A 184 -9.01 -1.50 -1.40
C VAL A 184 -9.88 -2.00 -2.53
N ALA A 185 -9.24 -2.26 -3.67
CA ALA A 185 -9.91 -2.77 -4.86
C ALA A 185 -9.43 -4.14 -5.13
N PRO A 186 -10.14 -5.15 -4.67
CA PRO A 186 -9.74 -6.47 -5.04
C PRO A 186 -10.04 -6.74 -6.51
N GLY A 187 -9.19 -7.54 -7.11
CA GLY A 187 -9.44 -8.09 -8.44
C GLY A 187 -10.30 -9.29 -8.26
N PHE A 188 -9.88 -10.41 -8.83
CA PHE A 188 -10.63 -11.67 -8.72
C PHE A 188 -10.19 -12.47 -7.52
N ILE A 189 -11.09 -12.63 -6.55
CA ILE A 189 -10.79 -13.39 -5.36
C ILE A 189 -11.61 -14.71 -5.34
N LYS A 190 -11.01 -15.79 -4.89
CA LYS A 190 -11.62 -17.13 -4.96
C LYS A 190 -13.01 -17.27 -4.30
N LEU A 197 -18.38 -21.38 -11.93
CA LEU A 197 -17.79 -21.30 -13.26
C LEU A 197 -17.65 -22.68 -13.90
N ASN A 198 -17.52 -22.68 -15.22
CA ASN A 198 -16.99 -23.82 -15.97
C ASN A 198 -15.65 -23.38 -16.57
N GLU A 199 -14.83 -24.36 -16.94
CA GLU A 199 -13.43 -24.16 -17.40
C GLU A 199 -13.31 -23.10 -18.50
N LYS A 200 -14.39 -22.86 -19.23
CA LYS A 200 -14.40 -21.76 -20.19
C LYS A 200 -14.30 -20.43 -19.40
N GLN A 201 -15.32 -20.15 -18.57
CA GLN A 201 -15.41 -18.88 -17.80
C GLN A 201 -14.12 -18.51 -17.04
N ARG A 202 -13.47 -19.51 -16.44
CA ARG A 202 -12.19 -19.33 -15.72
C ARG A 202 -11.10 -18.89 -16.68
N GLU A 203 -10.89 -19.69 -17.73
CA GLU A 203 -9.90 -19.39 -18.77
C GLU A 203 -10.01 -17.91 -19.12
N ALA A 204 -11.27 -17.50 -19.38
CA ALA A 204 -11.58 -16.12 -19.72
C ALA A 204 -10.99 -15.14 -18.69
N ILE A 205 -11.32 -15.34 -17.43
CA ILE A 205 -10.88 -14.42 -16.37
C ILE A 205 -9.36 -14.47 -16.25
N VAL A 206 -8.86 -15.65 -15.94
CA VAL A 206 -7.47 -15.80 -15.55
C VAL A 206 -6.52 -15.25 -16.61
N GLN A 207 -6.93 -15.35 -17.88
CA GLN A 207 -6.22 -14.68 -18.97
C GLN A 207 -6.10 -13.16 -18.79
N LYS A 208 -7.09 -12.52 -18.17
CA LYS A 208 -6.98 -11.07 -17.81
C LYS A 208 -6.09 -10.76 -16.55
N ILE A 209 -5.65 -11.80 -15.83
CA ILE A 209 -4.76 -11.65 -14.67
C ILE A 209 -3.34 -12.13 -14.99
N PRO A 210 -2.38 -11.20 -15.18
CA PRO A 210 -1.00 -11.61 -15.43
C PRO A 210 -0.50 -12.74 -14.53
N LEU A 211 -0.66 -12.59 -13.21
CA LEU A 211 -0.25 -13.60 -12.26
C LEU A 211 -0.81 -14.97 -12.64
N GLY A 212 -2.00 -15.00 -13.22
CA GLY A 212 -2.52 -16.23 -13.83
C GLY A 212 -3.37 -16.97 -12.84
N THR A 213 -3.54 -16.38 -11.67
CA THR A 213 -4.43 -17.00 -10.72
C THR A 213 -5.33 -15.96 -10.04
N TYR A 214 -6.36 -16.47 -9.38
CA TYR A 214 -7.26 -15.73 -8.55
C TYR A 214 -6.52 -15.43 -7.25
N GLY A 215 -6.96 -14.38 -6.59
CA GLY A 215 -6.49 -14.05 -5.25
C GLY A 215 -7.31 -14.77 -4.22
N ILE A 216 -6.86 -14.66 -2.97
CA ILE A 216 -7.61 -15.22 -1.85
C ILE A 216 -8.05 -14.10 -0.90
N PRO A 217 -9.05 -14.36 -0.06
CA PRO A 217 -9.49 -13.31 0.84
C PRO A 217 -8.38 -12.73 1.70
N GLU A 218 -7.40 -13.56 2.05
CA GLU A 218 -6.33 -13.13 2.92
C GLU A 218 -5.46 -12.06 2.24
N ASP A 219 -5.49 -11.99 0.89
CA ASP A 219 -4.72 -11.02 0.15
C ASP A 219 -5.32 -9.64 0.36
N VAL A 220 -6.64 -9.59 0.43
CA VAL A 220 -7.35 -8.33 0.68
C VAL A 220 -7.19 -7.92 2.13
N ALA A 221 -7.36 -8.90 3.03
CA ALA A 221 -7.21 -8.70 4.49
C ALA A 221 -5.86 -8.05 4.81
N TYR A 222 -4.82 -8.54 4.13
CA TYR A 222 -3.48 -8.04 4.35
C TYR A 222 -3.34 -6.53 4.03
N ALA A 223 -3.87 -6.13 2.87
CA ALA A 223 -3.86 -4.74 2.44
C ALA A 223 -4.62 -3.90 3.45
N VAL A 224 -5.77 -4.41 3.90
CA VAL A 224 -6.64 -3.68 4.81
C VAL A 224 -5.92 -3.44 6.14
N ALA A 225 -5.35 -4.49 6.72
CA ALA A 225 -4.61 -4.38 7.98
C ALA A 225 -3.52 -3.31 7.85
N PHE A 226 -2.76 -3.31 6.76
CA PHE A 226 -1.76 -2.30 6.56
C PHE A 226 -2.39 -0.89 6.60
N LEU A 227 -3.43 -0.67 5.79
CA LEU A 227 -4.01 0.67 5.74
C LEU A 227 -4.66 1.05 7.06
N ALA A 228 -5.21 0.06 7.78
CA ALA A 228 -5.80 0.29 9.08
C ALA A 228 -4.81 0.58 10.20
N SER A 229 -3.52 0.36 9.98
CA SER A 229 -2.50 0.52 11.00
C SER A 229 -1.85 1.87 11.02
N ASN A 230 -1.04 2.05 12.05
CA ASN A 230 -0.24 3.24 12.22
C ASN A 230 0.88 3.40 11.20
N ASN A 231 1.30 2.30 10.57
CA ASN A 231 2.28 2.29 9.52
C ASN A 231 1.75 2.84 8.18
N ALA A 232 0.49 3.24 8.16
CA ALA A 232 -0.05 3.86 6.93
C ALA A 232 -0.68 5.22 7.25
N SER A 233 -0.11 5.87 8.25
CA SER A 233 -0.64 7.16 8.70
C SER A 233 -0.49 8.29 7.67
N TYR A 234 0.45 8.19 6.74
CA TYR A 234 0.64 9.22 5.73
C TYR A 234 -0.01 8.82 4.39
N ILE A 235 -0.77 7.74 4.40
CA ILE A 235 -1.45 7.25 3.19
C ILE A 235 -2.92 7.57 3.36
N THR A 236 -3.42 8.47 2.55
CA THR A 236 -4.85 8.75 2.51
C THR A 236 -5.30 9.09 1.07
N GLY A 237 -6.58 8.81 0.77
CA GLY A 237 -7.14 9.02 -0.56
C GLY A 237 -6.69 8.04 -1.61
N GLN A 238 -6.06 6.96 -1.23
CA GLN A 238 -5.50 6.05 -2.19
C GLN A 238 -6.41 4.87 -2.34
N THR A 239 -6.33 4.26 -3.52
CA THR A 239 -6.99 3.02 -3.75
C THR A 239 -5.85 2.04 -3.91
N LEU A 240 -5.95 0.89 -3.28
CA LEU A 240 -4.90 -0.09 -3.42
C LEU A 240 -5.51 -1.31 -4.04
N HIS A 241 -4.96 -1.70 -5.19
CA HIS A 241 -5.56 -2.71 -6.01
C HIS A 241 -4.89 -3.96 -5.65
N VAL A 242 -5.66 -4.99 -5.35
CA VAL A 242 -5.09 -6.26 -4.99
C VAL A 242 -5.60 -7.26 -6.01
N ASN A 243 -4.90 -7.34 -7.13
CA ASN A 243 -5.51 -7.92 -8.34
C ASN A 243 -4.62 -8.75 -9.25
N GLY A 244 -3.38 -9.00 -8.85
CA GLY A 244 -2.51 -9.86 -9.59
C GLY A 244 -1.99 -9.21 -10.84
N GLY A 245 -2.07 -7.89 -10.88
CA GLY A 245 -1.50 -7.11 -11.97
C GLY A 245 -2.54 -6.86 -13.02
N MET A 246 -3.78 -7.24 -12.73
CA MET A 246 -4.86 -7.15 -13.69
C MET A 246 -5.17 -5.71 -14.07
N LEU A 247 -5.15 -4.82 -13.09
CA LEU A 247 -5.15 -3.36 -13.30
C LEU A 247 -3.98 -2.72 -12.50
N MET A 248 -3.11 -2.02 -13.21
CA MET A 248 -1.90 -1.42 -12.62
C MET A 248 -2.07 0.08 -12.41
N VAL A 249 -2.29 0.44 -11.13
CA VAL A 249 -2.55 1.82 -10.67
C VAL A 249 -2.22 1.97 -9.17
N MET B 9 3.40 -11.78 9.38
CA MET B 9 2.85 -10.58 8.69
C MET B 9 3.88 -9.95 7.69
N ILE B 10 5.02 -9.49 8.21
CA ILE B 10 6.13 -9.05 7.35
C ILE B 10 7.46 -9.58 7.88
N ASP B 11 7.61 -10.88 7.83
CA ASP B 11 8.75 -11.51 8.44
C ASP B 11 9.73 -11.79 7.33
N LEU B 12 10.89 -11.12 7.36
CA LEU B 12 11.81 -11.23 6.25
C LEU B 12 13.02 -12.08 6.70
N THR B 13 12.75 -13.00 7.64
CA THR B 13 13.81 -13.89 8.13
C THR B 13 14.35 -14.72 6.97
N GLY B 14 15.66 -14.70 6.81
CA GLY B 14 16.26 -15.55 5.80
C GLY B 14 16.12 -14.96 4.42
N LYS B 15 15.81 -13.67 4.35
CA LYS B 15 15.75 -13.01 3.09
C LYS B 15 16.91 -12.06 2.96
N THR B 16 17.23 -11.72 1.73
CA THR B 16 18.25 -10.70 1.46
C THR B 16 17.63 -9.58 0.63
N SER B 17 17.90 -8.36 1.06
CA SER B 17 17.35 -7.20 0.43
C SER B 17 18.52 -6.36 0.04
N LEU B 18 18.46 -5.75 -1.13
CA LEU B 18 19.46 -4.77 -1.56
C LEU B 18 18.78 -3.42 -1.64
N ILE B 19 19.36 -2.41 -1.01
CA ILE B 19 18.81 -1.07 -0.99
C ILE B 19 19.86 -0.15 -1.53
N THR B 20 19.59 0.44 -2.69
CA THR B 20 20.46 1.46 -3.25
C THR B 20 20.13 2.74 -2.54
N GLY B 21 21.04 3.70 -2.57
CA GLY B 21 20.78 4.98 -1.94
C GLY B 21 20.61 4.84 -0.45
N ALA B 22 21.21 3.81 0.14
CA ALA B 22 20.95 3.46 1.55
C ALA B 22 21.35 4.53 2.54
N SER B 23 22.12 5.53 2.13
CA SER B 23 22.55 6.56 3.06
C SER B 23 21.59 7.79 3.12
N SER B 24 20.67 7.92 2.16
CA SER B 24 19.70 9.00 2.26
C SER B 24 18.79 8.65 3.45
N GLY B 25 17.98 9.64 3.85
CA GLY B 25 17.04 9.44 4.95
C GLY B 25 16.14 8.25 4.67
N ILE B 26 15.53 8.21 3.48
CA ILE B 26 14.59 7.16 3.11
C ILE B 26 15.35 5.87 3.01
N GLY B 27 16.46 5.90 2.30
CA GLY B 27 17.27 4.70 2.16
C GLY B 27 17.65 4.04 3.48
N SER B 28 18.08 4.82 4.46
CA SER B 28 18.57 4.20 5.68
C SER B 28 17.40 3.74 6.53
N ALA B 29 16.30 4.50 6.51
CA ALA B 29 15.05 4.05 7.13
C ALA B 29 14.55 2.74 6.55
N ILE B 30 14.68 2.58 5.23
CA ILE B 30 14.28 1.31 4.61
C ILE B 30 15.24 0.23 5.07
N ALA B 31 16.51 0.58 5.11
CA ALA B 31 17.52 -0.41 5.51
C ALA B 31 17.27 -0.90 6.92
N ARG B 32 16.98 -0.01 7.84
CA ARG B 32 16.81 -0.44 9.23
C ARG B 32 15.57 -1.26 9.42
N LEU B 33 14.51 -0.87 8.72
CA LEU B 33 13.23 -1.53 8.89
C LEU B 33 13.29 -2.95 8.37
N LEU B 34 13.84 -3.11 7.18
CA LEU B 34 13.96 -4.43 6.54
C LEU B 34 14.89 -5.35 7.36
N HIS B 35 16.00 -4.78 7.85
CA HIS B 35 16.84 -5.47 8.85
C HIS B 35 16.08 -5.82 10.13
N LYS B 36 15.33 -4.85 10.67
CA LYS B 36 14.59 -5.11 11.91
C LYS B 36 13.62 -6.28 11.71
N LEU B 37 13.14 -6.44 10.48
CA LEU B 37 12.14 -7.45 10.16
C LEU B 37 12.80 -8.76 9.79
N GLY B 38 14.12 -8.85 9.89
CA GLY B 38 14.79 -10.13 9.81
C GLY B 38 15.57 -10.38 8.54
N SER B 39 15.74 -9.36 7.69
CA SER B 39 16.35 -9.55 6.40
C SER B 39 17.78 -9.10 6.48
N LYS B 40 18.67 -9.82 5.82
CA LYS B 40 20.02 -9.33 5.61
C LYS B 40 19.82 -8.14 4.68
N VAL B 41 20.64 -7.11 4.80
CA VAL B 41 20.45 -5.95 3.95
C VAL B 41 21.74 -5.59 3.28
N ILE B 42 21.76 -5.63 1.95
CA ILE B 42 22.90 -5.18 1.18
C ILE B 42 22.73 -3.68 1.06
N ILE B 43 23.48 -2.92 1.83
CA ILE B 43 23.28 -1.47 1.90
C ILE B 43 24.24 -0.82 0.94
N SER B 44 23.69 -0.25 -0.13
CA SER B 44 24.50 0.24 -1.24
C SER B 44 24.33 1.71 -1.55
N GLY B 45 25.38 2.31 -2.12
CA GLY B 45 25.49 3.78 -2.22
C GLY B 45 26.92 4.18 -2.52
N SER B 46 27.14 5.49 -2.73
CA SER B 46 28.45 6.10 -3.08
C SER B 46 29.30 6.66 -1.88
N ASN B 47 28.71 7.43 -1.00
CA ASN B 47 29.41 7.79 0.24
C ASN B 47 29.63 6.60 1.20
N GLU B 48 30.89 6.16 1.37
CA GLU B 48 31.22 4.96 2.20
C GLU B 48 31.15 5.22 3.71
N GLU B 49 31.54 6.41 4.14
CA GLU B 49 31.59 6.75 5.56
C GLU B 49 30.18 6.80 6.11
N LYS B 50 29.27 7.36 5.31
CA LYS B 50 27.84 7.45 5.65
C LYS B 50 27.33 6.06 5.77
N LEU B 51 27.81 5.21 4.87
CA LEU B 51 27.31 3.86 4.72
C LEU B 51 27.86 3.00 5.86
N LYS B 52 29.05 3.34 6.34
CA LYS B 52 29.69 2.60 7.43
C LYS B 52 28.97 2.91 8.73
N SER B 53 28.60 4.18 8.91
CA SER B 53 27.88 4.57 10.12
C SER B 53 26.55 3.81 10.22
N LEU B 54 25.77 3.82 9.13
CA LEU B 54 24.57 3.01 9.05
C LEU B 54 24.89 1.56 9.38
N GLY B 55 25.89 1.00 8.67
CA GLY B 55 26.35 -0.36 8.98
C GLY B 55 26.63 -0.53 10.47
N ASN B 56 27.35 0.41 11.05
CA ASN B 56 27.67 0.33 12.48
C ASN B 56 26.43 0.27 13.35
N ALA B 57 25.42 1.06 12.99
CA ALA B 57 24.15 1.08 13.68
C ALA B 57 23.39 -0.22 13.43
N LEU B 58 23.42 -0.72 12.20
CA LEU B 58 22.80 -2.01 11.89
C LEU B 58 23.43 -3.16 12.68
N LYS B 59 24.75 -3.08 12.93
CA LYS B 59 25.52 -4.06 13.75
C LYS B 59 25.82 -5.42 13.10
N ASP B 60 24.80 -6.14 12.65
CA ASP B 60 24.93 -7.45 11.95
C ASP B 60 24.00 -7.55 10.73
N ASN B 61 24.12 -8.68 10.00
CA ASN B 61 23.27 -9.00 8.87
C ASN B 61 23.20 -7.93 7.77
N TYR B 62 24.33 -7.31 7.50
CA TYR B 62 24.46 -6.42 6.36
C TYR B 62 25.75 -6.62 5.62
N THR B 63 25.79 -6.04 4.43
CA THR B 63 27.02 -5.89 3.65
C THR B 63 26.97 -4.54 2.99
N ILE B 64 28.08 -3.82 3.04
CA ILE B 64 28.19 -2.54 2.36
C ILE B 64 28.64 -2.78 0.92
N GLU B 65 28.18 -1.93 0.01
CA GLU B 65 28.52 -2.01 -1.41
C GLU B 65 28.66 -0.62 -1.91
N VAL B 66 29.88 -0.11 -1.85
CA VAL B 66 30.19 1.19 -2.36
C VAL B 66 30.07 1.04 -3.86
N CYS B 67 29.46 2.05 -4.47
CA CYS B 67 28.87 1.90 -5.78
C CYS B 67 28.39 3.23 -6.31
N ASN B 68 28.52 3.39 -7.61
CA ASN B 68 28.21 4.64 -8.29
C ASN B 68 27.20 4.34 -9.40
N LEU B 69 25.92 4.53 -9.08
CA LEU B 69 24.81 4.34 -10.02
C LEU B 69 25.16 4.81 -11.43
N ALA B 70 25.66 6.04 -11.55
CA ALA B 70 26.02 6.60 -12.86
C ALA B 70 26.74 5.61 -13.80
N ASN B 71 27.65 4.82 -13.26
CA ASN B 71 28.32 3.82 -14.08
C ASN B 71 27.41 2.63 -14.40
N LYS B 72 27.06 2.48 -15.69
CA LYS B 72 26.18 1.40 -16.17
C LYS B 72 26.75 -0.02 -15.91
N GLU B 73 28.07 -0.17 -16.06
CA GLU B 73 28.73 -1.44 -15.75
C GLU B 73 28.67 -1.73 -14.22
N GLU B 74 28.62 -0.67 -13.42
CA GLU B 74 28.65 -0.77 -11.96
C GLU B 74 27.26 -1.10 -11.40
N CYS B 75 26.20 -0.59 -12.02
CA CYS B 75 24.84 -1.07 -11.72
C CYS B 75 24.71 -2.55 -12.04
N SER B 76 25.20 -2.93 -13.21
CA SER B 76 25.01 -4.32 -13.63
C SER B 76 25.85 -5.23 -12.74
N ASN B 77 27.07 -4.77 -12.47
CA ASN B 77 27.96 -5.46 -11.51
C ASN B 77 27.35 -5.51 -10.09
N LEU B 78 26.64 -4.45 -9.66
CA LEU B 78 26.02 -4.45 -8.31
C LEU B 78 25.15 -5.71 -8.04
N ILE B 79 24.24 -6.01 -8.95
CA ILE B 79 23.31 -7.09 -8.72
C ILE B 79 23.94 -8.46 -8.93
N SER B 80 24.69 -8.65 -10.02
CA SER B 80 25.40 -9.92 -10.24
C SER B 80 26.36 -10.28 -9.07
N LYS B 81 26.91 -9.29 -8.37
CA LYS B 81 27.82 -9.56 -7.25
C LYS B 81 27.13 -9.86 -5.88
N THR B 82 25.80 -9.86 -5.85
CA THR B 82 25.06 -10.28 -4.64
C THR B 82 24.51 -11.68 -4.89
N SER B 83 24.50 -12.56 -3.90
CA SER B 83 24.20 -13.97 -4.21
C SER B 83 22.73 -14.39 -4.15
N ASN B 84 22.11 -14.25 -2.98
CA ASN B 84 20.71 -14.58 -2.83
C ASN B 84 20.08 -13.22 -2.62
N LEU B 85 19.43 -12.72 -3.67
CA LEU B 85 18.72 -11.47 -3.63
C LEU B 85 17.23 -11.77 -3.78
N ASP B 86 16.47 -11.55 -2.71
CA ASP B 86 15.02 -11.75 -2.71
C ASP B 86 14.28 -10.43 -3.01
N ILE B 87 14.81 -9.32 -2.52
CA ILE B 87 14.13 -8.04 -2.54
C ILE B 87 15.10 -6.99 -3.03
N LEU B 88 14.69 -6.20 -4.02
CA LEU B 88 15.47 -5.04 -4.48
C LEU B 88 14.65 -3.78 -4.25
N VAL B 89 15.25 -2.81 -3.59
CA VAL B 89 14.67 -1.49 -3.43
C VAL B 89 15.60 -0.48 -4.10
N CYS B 90 15.12 0.12 -5.19
CA CYS B 90 15.82 1.16 -5.89
C CYS B 90 15.37 2.52 -5.41
N ASN B 91 16.22 3.20 -4.65
CA ASN B 91 15.91 4.57 -4.31
C ASN B 91 16.25 5.54 -5.44
N ALA B 92 15.55 6.67 -5.50
CA ALA B 92 15.82 7.68 -6.54
C ALA B 92 17.19 8.35 -6.31
N GLY B 93 17.98 8.53 -7.38
CA GLY B 93 19.19 9.43 -7.32
C GLY B 93 18.87 10.92 -7.59
N ILE B 94 17.98 11.51 -6.80
CA ILE B 94 17.29 12.72 -7.22
C ILE B 94 16.82 13.73 -6.13
N THR B 95 17.15 15.00 -6.33
CA THR B 95 16.71 16.14 -5.50
C THR B 95 15.95 17.19 -6.32
N ASP B 107 20.56 18.85 -15.57
CA ASP B 107 20.46 18.22 -16.88
C ASP B 107 19.27 17.26 -16.89
N PHE B 108 18.44 17.39 -17.91
CA PHE B 108 17.39 16.44 -18.20
C PHE B 108 18.00 15.05 -18.35
N ASP B 109 18.88 14.92 -19.35
CA ASP B 109 19.62 13.67 -19.58
C ASP B 109 20.11 12.99 -18.28
N LYS B 110 20.69 13.77 -17.37
CA LYS B 110 21.31 13.24 -16.14
C LYS B 110 20.32 12.55 -15.23
N VAL B 111 19.28 13.28 -14.86
CA VAL B 111 18.22 12.76 -13.99
C VAL B 111 17.46 11.60 -14.65
N ILE B 112 17.21 11.69 -15.96
CA ILE B 112 16.66 10.56 -16.70
C ILE B 112 17.58 9.36 -16.59
N ASP B 113 18.90 9.61 -16.66
CA ASP B 113 19.89 8.53 -16.64
C ASP B 113 20.02 7.86 -15.29
N ILE B 114 19.96 8.62 -14.20
CA ILE B 114 20.06 8.00 -12.87
C ILE B 114 18.70 7.42 -12.43
N ASN B 115 17.66 8.26 -12.47
CA ASN B 115 16.34 7.86 -11.97
C ASN B 115 15.62 6.79 -12.79
N LEU B 116 15.93 6.69 -14.08
CA LEU B 116 15.24 5.73 -14.92
C LEU B 116 16.18 4.69 -15.53
N LYS B 117 17.25 5.12 -16.19
CA LYS B 117 18.10 4.11 -16.89
C LYS B 117 18.82 3.20 -15.93
N ALA B 118 19.45 3.83 -14.94
CA ALA B 118 20.13 3.13 -13.86
C ALA B 118 19.18 2.07 -13.27
N ASN B 119 17.98 2.52 -12.96
CA ASN B 119 16.98 1.67 -12.31
C ASN B 119 16.54 0.52 -13.21
N PHE B 120 16.64 0.69 -14.53
CA PHE B 120 16.29 -0.40 -15.44
C PHE B 120 17.35 -1.53 -15.45
N ILE B 121 18.62 -1.17 -15.35
CA ILE B 121 19.65 -2.21 -15.27
C ILE B 121 19.40 -2.97 -14.00
N LEU B 122 19.20 -2.24 -12.88
CA LEU B 122 19.03 -2.89 -11.56
C LEU B 122 17.88 -3.85 -11.66
N ASN B 123 16.76 -3.38 -12.15
CA ASN B 123 15.56 -4.19 -12.31
C ASN B 123 15.72 -5.43 -13.24
N ARG B 124 16.36 -5.25 -14.39
CA ARG B 124 16.59 -6.36 -15.33
C ARG B 124 17.49 -7.39 -14.71
N GLU B 125 18.58 -6.92 -14.14
CA GLU B 125 19.55 -7.79 -13.49
C GLU B 125 19.02 -8.56 -12.28
N ALA B 126 18.05 -7.97 -11.58
CA ALA B 126 17.41 -8.63 -10.44
C ALA B 126 16.48 -9.69 -10.95
N ILE B 127 15.75 -9.42 -12.02
CA ILE B 127 14.83 -10.42 -12.53
C ILE B 127 15.63 -11.64 -13.05
N LYS B 128 16.81 -11.38 -13.64
CA LYS B 128 17.71 -12.48 -14.05
C LYS B 128 17.91 -13.44 -12.88
N LYS B 129 18.29 -12.91 -11.73
CA LYS B 129 18.49 -13.76 -10.55
C LYS B 129 17.20 -14.33 -10.00
N MET B 130 16.14 -13.53 -9.93
CA MET B 130 14.90 -13.95 -9.26
C MET B 130 14.08 -14.99 -10.03
N ILE B 131 14.05 -14.89 -11.36
CA ILE B 131 13.25 -15.83 -12.16
C ILE B 131 13.66 -17.29 -11.90
N GLN B 132 14.95 -17.52 -11.64
CA GLN B 132 15.44 -18.87 -11.34
C GLN B 132 14.85 -19.36 -10.05
N LYS B 133 14.88 -18.49 -9.03
CA LYS B 133 14.36 -18.84 -7.71
C LYS B 133 12.83 -18.75 -7.68
N ARG B 134 12.24 -18.20 -8.76
CA ARG B 134 10.78 -18.09 -8.90
C ARG B 134 10.12 -17.30 -7.75
N TYR B 135 10.85 -16.34 -7.23
CA TYR B 135 10.40 -15.57 -6.14
C TYR B 135 11.17 -14.27 -6.15
N GLY B 136 10.46 -13.15 -6.04
CA GLY B 136 11.16 -11.87 -5.88
C GLY B 136 10.28 -10.70 -5.52
N ARG B 137 10.92 -9.64 -5.07
CA ARG B 137 10.21 -8.42 -4.86
C ARG B 137 11.08 -7.37 -5.40
N ILE B 138 10.52 -6.53 -6.28
CA ILE B 138 11.19 -5.33 -6.75
C ILE B 138 10.32 -4.12 -6.45
N ILE B 139 10.95 -3.09 -5.91
CA ILE B 139 10.24 -1.94 -5.41
C ILE B 139 11.05 -0.74 -5.79
N ASN B 140 10.44 0.06 -6.65
CA ASN B 140 11.04 1.24 -7.21
C ASN B 140 10.48 2.44 -6.53
N ILE B 141 11.34 3.34 -6.12
CA ILE B 141 10.90 4.46 -5.37
C ILE B 141 11.21 5.69 -6.18
N SER B 142 10.18 6.48 -6.41
CA SER B 142 10.34 7.75 -7.10
C SER B 142 10.86 8.82 -6.19
N SER B 143 11.40 9.85 -6.80
CA SER B 143 12.03 10.91 -6.10
C SER B 143 11.00 11.78 -5.40
N ILE B 144 11.43 12.33 -4.27
CA ILE B 144 10.61 13.07 -3.35
C ILE B 144 10.15 14.31 -4.08
N VAL B 145 8.95 14.78 -3.74
CA VAL B 145 8.43 16.00 -4.38
C VAL B 145 9.26 17.20 -3.92
N GLY B 146 9.44 18.18 -4.82
CA GLY B 146 10.29 19.34 -4.55
C GLY B 146 9.46 20.55 -4.20
N ILE B 147 10.12 21.64 -3.79
CA ILE B 147 9.48 22.79 -3.11
C ILE B 147 8.19 23.32 -3.77
N GLY B 149 5.20 22.31 -6.47
CA GLY B 149 5.85 21.03 -6.22
C GLY B 149 5.43 19.80 -7.06
N ASN B 150 4.15 19.40 -6.95
CA ASN B 150 3.70 18.05 -7.34
C ASN B 150 3.99 17.56 -8.76
N PRO B 151 3.71 18.41 -9.80
CA PRO B 151 4.11 18.01 -11.17
C PRO B 151 5.66 18.07 -11.37
N GLY B 152 6.28 19.13 -10.81
CA GLY B 152 7.73 19.25 -10.71
C GLY B 152 8.40 19.73 -12.00
N GLN B 153 9.73 19.91 -11.93
CA GLN B 153 10.52 20.00 -13.13
C GLN B 153 10.19 18.79 -14.03
N ALA B 154 10.19 19.06 -15.33
CA ALA B 154 9.89 18.10 -16.37
C ALA B 154 10.72 16.85 -16.27
N ASN B 155 12.00 17.06 -15.95
CA ASN B 155 12.98 15.97 -15.95
C ASN B 155 12.75 14.96 -14.84
N TYR B 156 12.38 15.44 -13.65
CA TYR B 156 11.99 14.58 -12.51
C TYR B 156 10.62 13.95 -12.71
N CYS B 157 9.75 14.75 -13.31
CA CYS B 157 8.42 14.33 -13.58
C CYS B 157 8.45 13.20 -14.62
N ALA B 158 9.25 13.40 -15.66
CA ALA B 158 9.41 12.42 -16.72
C ALA B 158 9.98 11.13 -16.19
N SER B 159 11.10 11.20 -15.46
CA SER B 159 11.73 10.00 -14.94
C SER B 159 10.82 9.25 -13.96
N LYS B 160 10.14 9.98 -13.08
CA LYS B 160 9.16 9.39 -12.17
C LYS B 160 8.03 8.72 -12.90
N ALA B 161 7.29 9.43 -13.76
CA ALA B 161 6.28 8.75 -14.62
C ALA B 161 6.93 7.58 -15.32
N GLY B 162 8.14 7.83 -15.79
CA GLY B 162 8.86 6.79 -16.55
C GLY B 162 9.08 5.56 -15.71
N LEU B 163 9.48 5.77 -14.46
CA LEU B 163 9.81 4.65 -13.51
C LEU B 163 8.57 3.79 -13.32
N ILE B 164 7.47 4.49 -13.10
CA ILE B 164 6.19 3.86 -12.86
C ILE B 164 5.75 3.07 -14.08
N GLY B 165 5.95 3.62 -15.29
CA GLY B 165 5.68 2.85 -16.52
C GLY B 165 6.55 1.62 -16.59
N MET B 166 7.85 1.79 -16.33
CA MET B 166 8.75 0.65 -16.32
C MET B 166 8.25 -0.42 -15.34
N THR B 167 7.83 0.01 -14.15
CA THR B 167 7.32 -0.88 -13.12
C THR B 167 6.11 -1.66 -13.56
N LYS B 168 5.17 -1.04 -14.26
CA LYS B 168 4.08 -1.84 -14.82
C LYS B 168 4.57 -2.88 -15.84
N SER B 169 5.48 -2.47 -16.75
CA SER B 169 5.81 -3.36 -17.84
C SER B 169 6.59 -4.56 -17.29
N LEU B 170 7.54 -4.32 -16.38
CA LEU B 170 8.22 -5.45 -15.75
C LEU B 170 7.28 -6.27 -14.87
N SER B 171 6.32 -5.62 -14.26
CA SER B 171 5.37 -6.33 -13.44
C SER B 171 4.66 -7.38 -14.29
N TYR B 172 4.07 -6.95 -15.39
CA TYR B 172 3.37 -7.86 -16.33
C TYR B 172 4.22 -9.06 -16.70
N GLU B 173 5.48 -8.78 -16.99
CA GLU B 173 6.32 -9.78 -17.65
C GLU B 173 6.91 -10.82 -16.72
N VAL B 174 6.92 -10.55 -15.41
CA VAL B 174 7.40 -11.56 -14.46
C VAL B 174 6.28 -12.03 -13.59
N ALA B 175 5.06 -11.67 -13.95
CA ALA B 175 3.93 -11.88 -13.05
C ALA B 175 3.62 -13.36 -12.83
N THR B 176 3.92 -14.21 -13.82
CA THR B 176 3.75 -15.65 -13.65
C THR B 176 4.94 -16.34 -12.99
N ARG B 177 6.00 -15.60 -12.72
CA ARG B 177 7.20 -16.21 -12.16
C ARG B 177 7.54 -15.81 -10.72
N GLY B 178 6.50 -15.54 -9.92
CA GLY B 178 6.59 -15.26 -8.48
C GLY B 178 7.42 -14.06 -8.07
N ILE B 179 7.53 -13.10 -8.97
CA ILE B 179 8.22 -11.83 -8.71
C ILE B 179 7.14 -10.75 -8.81
N THR B 180 7.04 -9.87 -7.81
CA THR B 180 6.16 -8.70 -7.89
C THR B 180 7.06 -7.48 -8.20
N VAL B 181 6.55 -6.54 -8.96
CA VAL B 181 7.27 -5.31 -9.24
C VAL B 181 6.30 -4.21 -8.94
N ASN B 182 6.69 -3.32 -8.04
CA ASN B 182 5.78 -2.32 -7.51
C ASN B 182 6.58 -1.07 -7.34
N ALA B 183 5.93 0.09 -7.24
CA ALA B 183 6.61 1.32 -6.95
C ALA B 183 6.02 2.01 -5.73
N VAL B 184 6.84 2.82 -5.05
CA VAL B 184 6.38 3.68 -3.99
C VAL B 184 6.69 5.08 -4.41
N ALA B 185 5.73 5.98 -4.20
CA ALA B 185 5.86 7.34 -4.63
C ALA B 185 5.66 8.26 -3.48
N PRO B 186 6.75 8.77 -2.91
CA PRO B 186 6.50 9.63 -1.79
C PRO B 186 6.19 11.02 -2.22
N GLY B 187 5.60 11.77 -1.30
CA GLY B 187 5.38 13.16 -1.53
C GLY B 187 6.52 13.90 -0.89
N PHE B 188 6.20 14.97 -0.21
CA PHE B 188 7.17 15.74 0.52
C PHE B 188 7.57 14.99 1.75
N ILE B 189 8.78 14.49 1.73
CA ILE B 189 9.34 13.84 2.87
C ILE B 189 10.40 14.77 3.48
N LYS B 190 10.30 15.01 4.78
CA LYS B 190 11.33 15.70 5.52
C LYS B 190 12.26 14.67 6.12
N SER B 191 13.53 14.76 5.74
CA SER B 191 14.56 13.85 6.22
C SER B 191 15.53 14.52 7.21
N ASP B 192 15.64 15.84 7.16
CA ASP B 192 16.70 16.54 7.84
C ASP B 192 16.17 17.43 8.94
N MET B 193 16.90 17.48 10.04
CA MET B 193 16.66 18.39 11.14
C MET B 193 16.09 19.76 10.71
N THR B 194 16.71 20.36 9.70
CA THR B 194 16.18 21.55 9.03
C THR B 194 16.00 21.29 7.53
N ASP B 195 14.98 21.90 6.93
CA ASP B 195 14.69 21.64 5.52
C ASP B 195 15.32 22.66 4.58
N LYS B 196 15.99 23.66 5.16
CA LYS B 196 16.60 24.77 4.43
C LYS B 196 15.62 25.91 4.04
N LEU B 197 14.32 25.76 4.36
CA LEU B 197 13.27 26.69 3.90
C LEU B 197 12.90 27.74 4.94
N ASN B 198 12.32 28.85 4.48
CA ASN B 198 11.72 29.82 5.38
C ASN B 198 10.24 29.52 5.52
N GLU B 199 9.57 30.22 6.42
CA GLU B 199 8.18 29.95 6.76
C GLU B 199 7.22 30.03 5.59
N LYS B 200 7.40 31.02 4.71
CA LYS B 200 6.54 31.19 3.54
C LYS B 200 6.66 29.98 2.62
N GLN B 201 7.91 29.57 2.33
CA GLN B 201 8.15 28.37 1.55
C GLN B 201 7.50 27.14 2.19
N ARG B 202 7.74 26.97 3.49
CA ARG B 202 7.17 25.87 4.25
C ARG B 202 5.65 25.85 4.15
N GLU B 203 4.98 26.95 4.51
CA GLU B 203 3.51 27.07 4.37
C GLU B 203 3.03 26.74 2.95
N ALA B 204 3.79 27.15 1.95
CA ALA B 204 3.45 26.92 0.53
C ALA B 204 3.43 25.45 0.21
N ILE B 205 4.43 24.71 0.70
CA ILE B 205 4.47 23.25 0.53
C ILE B 205 3.39 22.56 1.34
N VAL B 206 3.29 22.91 2.62
CA VAL B 206 2.31 22.30 3.52
C VAL B 206 0.87 22.59 3.04
N GLN B 207 0.65 23.70 2.33
CA GLN B 207 -0.66 23.94 1.68
C GLN B 207 -0.96 22.90 0.57
N LYS B 208 0.06 22.36 -0.08
CA LYS B 208 -0.15 21.26 -1.06
C LYS B 208 -0.62 19.88 -0.48
N ILE B 209 -0.61 19.74 0.84
CA ILE B 209 -0.72 18.44 1.48
C ILE B 209 -1.93 18.45 2.37
N PRO B 210 -2.98 17.72 1.98
CA PRO B 210 -4.18 17.63 2.79
C PRO B 210 -3.96 17.33 4.25
N LEU B 211 -3.01 16.46 4.54
CA LEU B 211 -2.72 16.05 5.94
C LEU B 211 -2.14 17.19 6.75
N GLY B 212 -1.66 18.21 6.04
CA GLY B 212 -1.09 19.39 6.65
C GLY B 212 0.22 19.11 7.34
N THR B 213 0.97 18.15 6.82
CA THR B 213 2.22 17.76 7.46
C THR B 213 3.05 16.96 6.51
N TYR B 214 4.34 16.95 6.82
CA TYR B 214 5.34 16.27 6.04
C TYR B 214 5.29 14.77 6.23
N GLY B 215 5.78 14.07 5.22
CA GLY B 215 6.19 12.69 5.37
C GLY B 215 7.53 12.66 6.12
N ILE B 216 7.79 11.53 6.76
CA ILE B 216 9.10 11.27 7.27
C ILE B 216 9.57 9.99 6.64
N PRO B 217 10.87 9.72 6.69
CA PRO B 217 11.35 8.54 5.96
C PRO B 217 10.69 7.20 6.33
N GLU B 218 10.34 7.04 7.59
CA GLU B 218 9.76 5.81 8.07
C GLU B 218 8.43 5.53 7.37
N ASP B 219 7.65 6.58 7.06
CA ASP B 219 6.46 6.45 6.23
C ASP B 219 6.72 5.63 4.92
N VAL B 220 7.78 5.96 4.20
CA VAL B 220 8.13 5.32 2.93
C VAL B 220 8.62 3.88 3.17
N ALA B 221 9.51 3.72 4.14
CA ALA B 221 9.96 2.45 4.67
C ALA B 221 8.83 1.49 5.05
N TYR B 222 7.80 1.98 5.70
CA TYR B 222 6.69 1.12 6.05
C TYR B 222 6.01 0.60 4.80
N ALA B 223 5.82 1.49 3.83
CA ALA B 223 5.19 1.12 2.57
C ALA B 223 6.02 0.08 1.86
N VAL B 224 7.35 0.25 1.87
CA VAL B 224 8.28 -0.68 1.17
C VAL B 224 8.22 -2.08 1.78
N ALA B 225 8.30 -2.13 3.11
CA ALA B 225 8.13 -3.36 3.91
C ALA B 225 6.81 -4.09 3.62
N PHE B 226 5.74 -3.33 3.50
CA PHE B 226 4.45 -3.91 3.16
C PHE B 226 4.52 -4.64 1.84
N LEU B 227 5.14 -4.01 0.86
CA LEU B 227 5.20 -4.59 -0.49
C LEU B 227 6.19 -5.76 -0.52
N ALA B 228 7.27 -5.62 0.26
CA ALA B 228 8.32 -6.62 0.28
C ALA B 228 7.87 -7.92 0.93
N SER B 229 6.77 -7.91 1.68
CA SER B 229 6.35 -9.11 2.42
C SER B 229 5.92 -10.28 1.57
N ASN B 230 6.09 -11.50 2.11
CA ASN B 230 5.48 -12.66 1.47
C ASN B 230 3.99 -12.50 1.20
N ASN B 231 3.30 -11.77 2.09
CA ASN B 231 1.86 -11.65 1.95
C ASN B 231 1.43 -10.60 0.90
N ALA B 232 2.37 -9.89 0.30
CA ALA B 232 2.11 -8.89 -0.76
C ALA B 232 2.19 -9.54 -2.13
N SER B 233 1.90 -10.82 -2.15
CA SER B 233 2.14 -11.72 -3.27
C SER B 233 1.26 -11.47 -4.49
N TYR B 234 0.00 -11.12 -4.22
CA TYR B 234 -0.98 -10.80 -5.25
C TYR B 234 -1.00 -9.32 -5.68
N ILE B 235 -0.04 -8.54 -5.19
CA ILE B 235 0.00 -7.14 -5.42
C ILE B 235 1.16 -6.90 -6.30
N THR B 236 0.89 -6.55 -7.56
CA THR B 236 1.96 -6.20 -8.45
C THR B 236 1.66 -5.12 -9.47
N GLY B 237 2.72 -4.43 -9.88
CA GLY B 237 2.58 -3.31 -10.80
C GLY B 237 1.75 -2.15 -10.29
N GLN B 238 1.78 -1.92 -8.99
CA GLN B 238 1.01 -0.83 -8.35
C GLN B 238 1.98 0.22 -7.91
N THR B 239 1.47 1.43 -7.77
CA THR B 239 2.20 2.51 -7.22
C THR B 239 1.52 2.85 -5.92
N LEU B 240 2.26 2.77 -4.83
CA LEU B 240 1.69 3.08 -3.51
C LEU B 240 2.12 4.51 -3.22
N HIS B 241 1.17 5.45 -3.23
CA HIS B 241 1.48 6.84 -2.94
C HIS B 241 1.43 7.13 -1.44
N VAL B 242 2.54 7.63 -0.90
CA VAL B 242 2.69 7.92 0.52
C VAL B 242 2.93 9.42 0.60
N ASN B 243 1.87 10.21 0.57
CA ASN B 243 2.03 11.61 0.28
C ASN B 243 1.04 12.51 0.95
N GLY B 244 0.44 12.00 2.03
CA GLY B 244 -0.46 12.79 2.84
C GLY B 244 -1.67 13.28 2.07
N GLY B 245 -1.99 12.59 0.99
CA GLY B 245 -3.21 12.84 0.23
C GLY B 245 -3.02 13.91 -0.81
N MET B 246 -1.79 14.33 -1.05
CA MET B 246 -1.55 15.48 -1.91
C MET B 246 -1.83 15.10 -3.35
N LEU B 247 -1.70 13.80 -3.62
CA LEU B 247 -2.03 13.19 -4.89
C LEU B 247 -2.71 11.84 -4.58
N MET B 248 -3.92 11.70 -5.12
CA MET B 248 -4.77 10.52 -4.92
C MET B 248 -4.93 9.72 -6.22
N VAL B 249 -4.28 8.53 -6.27
CA VAL B 249 -4.40 7.58 -7.40
C VAL B 249 -4.92 6.18 -6.96
#